data_3GJO
#
_entry.id   3GJO
#
_cell.length_a   45.614
_cell.length_b   44.896
_cell.length_c   74.840
_cell.angle_alpha   90.00
_cell.angle_beta   98.57
_cell.angle_gamma   90.00
#
_symmetry.space_group_name_H-M   'P 1 21 1'
#
loop_
_entity.id
_entity.type
_entity.pdbx_description
1 polymer 'Microtubule-associated protein RP/EB family member 1'
2 polymer Dystonin
3 water water
#
loop_
_entity_poly.entity_id
_entity_poly.type
_entity_poly.pdbx_seq_one_letter_code
_entity_poly.pdbx_strand_id
1 'polypeptide(L)' GSDEAAELMQQVNVLKLTVEDLEKERDFYFGKLRNIELICQENEGENDPVLQRIVDILYATDEGFVIPDEGG A,B,C,D
2 'polypeptide(L)' GSRPSTAKPSKIPTPQRKSPASKLDKSSKR E,F,G,H
#
# COMPACT_ATOMS: atom_id res chain seq x y z
N GLU A 4 17.47 12.68 14.05
CA GLU A 4 16.38 12.71 15.09
C GLU A 4 15.02 12.92 14.40
N ALA A 5 14.32 13.99 14.79
CA ALA A 5 13.17 14.50 14.03
C ALA A 5 13.60 14.99 12.64
N ALA A 6 14.72 15.71 12.55
CA ALA A 6 15.21 16.31 11.30
C ALA A 6 15.50 15.31 10.19
N GLU A 7 15.79 14.07 10.58
CA GLU A 7 16.13 13.01 9.65
C GLU A 7 14.87 12.38 9.06
N LEU A 8 13.91 12.05 9.93
CA LEU A 8 12.62 11.51 9.51
C LEU A 8 11.79 12.54 8.76
N MET A 9 11.84 13.79 9.20
CA MET A 9 11.19 14.88 8.49
C MET A 9 11.80 15.07 7.09
N GLN A 10 13.10 14.80 6.96
CA GLN A 10 13.73 14.80 5.65
C GLN A 10 13.06 13.76 4.74
N GLN A 11 12.84 12.56 5.27
CA GLN A 11 12.16 11.50 4.56
C GLN A 11 10.70 11.89 4.22
N VAL A 12 9.98 12.44 5.19
CA VAL A 12 8.63 12.95 4.93
C VAL A 12 8.65 13.98 3.81
N ASN A 13 9.51 14.97 3.88
CA ASN A 13 9.60 16.00 2.84
C ASN A 13 9.79 15.45 1.43
N VAL A 14 10.69 14.47 1.33
CA VAL A 14 11.07 13.86 0.08
C VAL A 14 9.92 12.99 -0.44
N LEU A 15 9.32 12.24 0.47
CA LEU A 15 8.22 11.35 0.15
C LEU A 15 6.98 12.11 -0.28
N LYS A 16 6.74 13.24 0.38
CA LYS A 16 5.58 14.06 0.03
C LYS A 16 5.66 14.58 -1.40
N LEU A 17 6.85 14.95 -1.86
CA LEU A 17 7.09 15.44 -3.25
C LEU A 17 7.06 14.35 -4.29
N THR A 18 7.41 13.14 -3.85
CA THR A 18 7.30 11.95 -4.69
C THR A 18 5.84 11.67 -4.95
N VAL A 19 5.04 11.79 -3.89
CA VAL A 19 3.61 11.59 -3.96
C VAL A 19 3.02 12.55 -4.97
N GLU A 20 3.46 13.80 -4.94
CA GLU A 20 2.98 14.81 -5.90
C GLU A 20 3.46 14.58 -7.33
N ASP A 21 4.69 14.09 -7.49
CA ASP A 21 5.17 13.76 -8.83
C ASP A 21 4.38 12.57 -9.39
N LEU A 22 4.07 11.62 -8.53
CA LEU A 22 3.27 10.48 -8.94
C LEU A 22 1.81 10.84 -9.27
N GLU A 23 1.20 11.70 -8.46
CA GLU A 23 -0.16 12.16 -8.78
C GLU A 23 -0.19 12.83 -10.13
N LYS A 24 0.80 13.68 -10.40
CA LYS A 24 0.95 14.40 -11.67
C LYS A 24 1.02 13.42 -12.82
N GLU A 25 1.78 12.35 -12.60
CA GLU A 25 2.08 11.41 -13.63
C GLU A 25 0.84 10.57 -13.87
N ARG A 26 0.19 10.16 -12.79
CA ARG A 26 -1.09 9.49 -12.90
C ARG A 26 -2.17 10.34 -13.58
N ASP A 27 -2.22 11.65 -13.25
CA ASP A 27 -3.26 12.51 -13.84
C ASP A 27 -3.03 12.69 -15.34
N PHE A 28 -1.76 12.65 -15.75
CA PHE A 28 -1.39 12.76 -17.15
C PHE A 28 -1.88 11.53 -17.95
N TYR A 29 -1.59 10.35 -17.43
CA TYR A 29 -2.01 9.14 -18.09
C TYR A 29 -3.53 8.97 -18.05
N PHE A 30 -4.13 9.20 -16.90
CA PHE A 30 -5.58 9.08 -16.75
C PHE A 30 -6.33 10.05 -17.68
N GLY A 31 -5.81 11.27 -17.88
CA GLY A 31 -6.40 12.22 -18.82
C GLY A 31 -6.30 11.82 -20.30
N LYS A 32 -5.22 11.14 -20.67
CA LYS A 32 -5.08 10.57 -22.01
C LYS A 32 -6.19 9.56 -22.27
N LEU A 33 -6.43 8.64 -21.33
CA LEU A 33 -7.58 7.72 -21.36
C LEU A 33 -8.98 8.35 -21.35
N ARG A 34 -9.14 9.47 -20.66
CA ARG A 34 -10.44 10.09 -20.63
C ARG A 34 -10.70 10.70 -21.98
N ASN A 35 -9.64 11.24 -22.58
CA ASN A 35 -9.75 11.77 -23.91
C ASN A 35 -10.02 10.72 -24.97
N ILE A 36 -9.35 9.58 -24.87
CA ILE A 36 -9.62 8.45 -25.74
C ILE A 36 -11.08 8.00 -25.60
N GLU A 37 -11.54 7.92 -24.36
CA GLU A 37 -12.91 7.50 -24.04
C GLU A 37 -13.94 8.49 -24.53
N LEU A 38 -13.56 9.77 -24.64
CA LEU A 38 -14.44 10.76 -25.26
C LEU A 38 -14.52 10.52 -26.76
N ILE A 39 -13.37 10.41 -27.43
CA ILE A 39 -13.29 10.08 -28.85
C ILE A 39 -14.09 8.81 -29.20
N CYS A 40 -14.03 7.81 -28.34
CA CYS A 40 -14.78 6.57 -28.55
C CYS A 40 -16.29 6.79 -28.38
N GLN A 41 -16.72 7.36 -27.26
CA GLN A 41 -18.14 7.64 -27.04
C GLN A 41 -18.69 8.47 -28.19
N GLU A 42 -17.85 9.40 -28.66
CA GLU A 42 -18.18 10.34 -29.71
C GLU A 42 -18.17 9.72 -31.13
N ASN A 43 -17.78 8.46 -31.23
CA ASN A 43 -17.87 7.73 -32.49
C ASN A 43 -18.47 6.33 -32.31
N GLU A 44 -19.43 6.24 -31.39
CA GLU A 44 -20.18 5.00 -31.17
C GLU A 44 -21.28 4.82 -32.21
N GLY A 45 -21.38 5.78 -33.13
CA GLY A 45 -22.30 5.70 -34.26
C GLY A 45 -21.67 5.05 -35.47
N GLU A 46 -20.36 5.25 -35.62
CA GLU A 46 -19.58 4.68 -36.73
C GLU A 46 -19.45 3.15 -36.68
N ASN A 47 -19.61 2.58 -35.49
CA ASN A 47 -19.60 1.12 -35.27
C ASN A 47 -18.30 0.39 -35.61
N ASP A 48 -17.17 1.10 -35.57
CA ASP A 48 -15.87 0.49 -35.88
C ASP A 48 -15.41 -0.41 -34.74
N PRO A 49 -15.17 -1.71 -35.03
CA PRO A 49 -14.65 -2.67 -34.05
C PRO A 49 -13.22 -2.38 -33.57
N VAL A 50 -12.48 -1.57 -34.33
CA VAL A 50 -11.14 -1.13 -33.93
C VAL A 50 -11.21 -0.17 -32.74
N LEU A 51 -12.15 0.78 -32.81
CA LEU A 51 -12.48 1.64 -31.67
C LEU A 51 -13.15 0.82 -30.57
N GLN A 52 -13.84 -0.25 -30.99
CA GLN A 52 -14.46 -1.19 -30.06
C GLN A 52 -13.41 -2.03 -29.34
N ARG A 53 -12.28 -2.32 -30.01
CA ARG A 53 -11.15 -3.01 -29.36
C ARG A 53 -10.57 -2.14 -28.26
N ILE A 54 -10.56 -0.83 -28.52
CA ILE A 54 -9.98 0.17 -27.63
C ILE A 54 -10.86 0.41 -26.40
N VAL A 55 -12.18 0.35 -26.58
CA VAL A 55 -13.10 0.49 -25.45
C VAL A 55 -12.99 -0.70 -24.47
N ASP A 56 -12.67 -1.88 -25.01
CA ASP A 56 -12.50 -3.08 -24.19
C ASP A 56 -11.34 -2.84 -23.23
N ILE A 57 -10.25 -2.32 -23.79
CA ILE A 57 -9.01 -2.04 -23.07
C ILE A 57 -9.24 -0.98 -22.00
N LEU A 58 -9.98 0.06 -22.36
CA LEU A 58 -10.27 1.16 -21.47
C LEU A 58 -10.96 0.68 -20.23
N TYR A 59 -11.94 -0.20 -20.43
CA TYR A 59 -12.81 -0.66 -19.35
C TYR A 59 -12.35 -1.92 -18.63
N ALA A 60 -11.22 -2.51 -19.04
CA ALA A 60 -10.64 -3.66 -18.32
C ALA A 60 -10.20 -3.27 -16.89
N THR A 61 -10.56 -4.11 -15.90
CA THR A 61 -10.17 -3.91 -14.50
C THR A 61 -8.93 -4.72 -14.18
N ASP A 62 -8.44 -4.57 -12.96
CA ASP A 62 -7.38 -5.42 -12.45
C ASP A 62 -7.62 -5.49 -10.95
N GLU A 63 -6.64 -6.01 -10.22
CA GLU A 63 -6.67 -6.09 -8.76
C GLU A 63 -6.80 -4.71 -8.15
N GLY A 64 -7.86 -4.49 -7.38
CA GLY A 64 -8.07 -3.22 -6.67
C GLY A 64 -8.46 -2.04 -7.55
N PHE A 65 -9.21 -2.34 -8.62
CA PHE A 65 -9.68 -1.33 -9.55
C PHE A 65 -11.11 -1.69 -9.98
N VAL A 66 -12.02 -0.74 -9.78
CA VAL A 66 -13.45 -0.95 -10.01
C VAL A 66 -14.04 0.03 -11.00
N ILE A 67 -15.14 -0.38 -11.63
CA ILE A 67 -15.96 0.49 -12.45
C ILE A 67 -16.62 1.53 -11.56
N PRO A 68 -16.45 2.83 -11.89
CA PRO A 68 -17.10 3.90 -11.13
C PRO A 68 -18.63 3.81 -11.21
N ASP A 69 -19.29 3.97 -10.06
CA ASP A 69 -20.74 3.84 -9.97
C ASP A 69 -21.32 4.75 -8.90
N ASP B 3 8.10 9.40 20.61
CA ASP B 3 7.02 10.43 20.66
C ASP B 3 6.88 11.06 19.28
N GLU B 4 7.65 12.12 19.02
CA GLU B 4 7.65 12.74 17.71
C GLU B 4 8.31 11.84 16.67
N ALA B 5 9.36 11.13 17.07
CA ALA B 5 10.07 10.21 16.19
C ALA B 5 9.25 8.95 15.92
N ALA B 6 8.38 8.59 16.85
CA ALA B 6 7.44 7.50 16.64
C ALA B 6 6.42 7.89 15.56
N GLU B 7 5.89 9.11 15.67
CA GLU B 7 4.82 9.58 14.77
C GLU B 7 5.29 10.11 13.41
N LEU B 8 6.58 10.35 13.26
CA LEU B 8 7.13 10.70 11.95
C LEU B 8 7.40 9.44 11.17
N MET B 9 7.94 8.41 11.85
CA MET B 9 8.11 7.05 11.29
C MET B 9 6.77 6.51 10.80
N GLN B 10 5.71 6.93 11.48
CA GLN B 10 4.35 6.56 11.15
C GLN B 10 3.91 7.24 9.87
N GLN B 11 4.31 8.50 9.72
CA GLN B 11 3.94 9.25 8.54
C GLN B 11 4.79 8.81 7.34
N VAL B 12 6.05 8.51 7.59
CA VAL B 12 6.94 7.97 6.55
C VAL B 12 6.36 6.67 5.99
N ASN B 13 5.93 5.79 6.89
CA ASN B 13 5.31 4.53 6.52
C ASN B 13 4.05 4.73 5.68
N VAL B 14 3.22 5.67 6.12
CA VAL B 14 1.98 5.97 5.43
C VAL B 14 2.26 6.45 4.02
N LEU B 15 3.30 7.29 3.91
CA LEU B 15 3.67 7.86 2.62
C LEU B 15 4.25 6.79 1.70
N LYS B 16 4.98 5.83 2.26
CA LYS B 16 5.51 4.73 1.45
C LYS B 16 4.38 3.92 0.83
N LEU B 17 3.28 3.75 1.56
CA LEU B 17 2.10 3.08 1.04
C LEU B 17 1.39 3.88 -0.03
N THR B 18 1.40 5.21 0.13
CA THR B 18 0.75 6.08 -0.84
C THR B 18 1.53 6.03 -2.15
N VAL B 19 2.86 6.02 -2.03
CA VAL B 19 3.74 5.92 -3.20
C VAL B 19 3.46 4.61 -3.97
N GLU B 20 3.43 3.51 -3.25
CA GLU B 20 3.13 2.20 -3.83
C GLU B 20 1.76 2.19 -4.53
N ASP B 21 0.73 2.64 -3.81
CA ASP B 21 -0.62 2.79 -4.39
C ASP B 21 -0.63 3.65 -5.64
N LEU B 22 0.10 4.77 -5.66
CA LEU B 22 0.10 5.64 -6.85
C LEU B 22 0.83 5.02 -8.02
N GLU B 23 1.89 4.26 -7.72
CA GLU B 23 2.62 3.61 -8.78
C GLU B 23 1.76 2.51 -9.36
N LYS B 24 1.06 1.77 -8.49
CA LYS B 24 0.10 0.77 -8.93
C LYS B 24 -0.94 1.42 -9.83
N GLU B 25 -1.48 2.55 -9.39
CA GLU B 25 -2.51 3.23 -10.18
C GLU B 25 -1.95 3.71 -11.52
N ARG B 26 -0.74 4.26 -11.47
CA ARG B 26 -0.09 4.80 -12.64
C ARG B 26 0.27 3.71 -13.68
N ASP B 27 0.79 2.58 -13.22
CA ASP B 27 1.13 1.45 -14.07
C ASP B 27 -0.12 0.94 -14.80
N PHE B 28 -1.19 0.80 -14.05
CA PHE B 28 -2.48 0.39 -14.61
C PHE B 28 -2.82 1.32 -15.78
N TYR B 29 -2.75 2.64 -15.56
CA TYR B 29 -3.11 3.57 -16.62
C TYR B 29 -2.11 3.62 -17.77
N PHE B 30 -0.83 3.53 -17.48
CA PHE B 30 0.16 3.45 -18.54
C PHE B 30 -0.01 2.17 -19.37
N GLY B 31 -0.38 1.08 -18.72
CA GLY B 31 -0.53 -0.19 -19.41
C GLY B 31 -1.64 -0.11 -20.45
N LYS B 32 -2.76 0.49 -20.06
CA LYS B 32 -3.88 0.68 -20.97
C LYS B 32 -3.44 1.47 -22.18
N LEU B 33 -2.63 2.50 -21.95
CA LEU B 33 -2.14 3.36 -23.02
C LEU B 33 -1.19 2.65 -23.97
N ARG B 34 -0.34 1.76 -23.45
CA ARG B 34 0.52 0.98 -24.34
C ARG B 34 -0.29 0.05 -25.23
N ASN B 35 -1.17 -0.74 -24.63
CA ASN B 35 -2.05 -1.61 -25.38
C ASN B 35 -2.82 -0.88 -26.47
N ILE B 36 -3.25 0.34 -26.17
CA ILE B 36 -3.93 1.19 -27.17
C ILE B 36 -2.96 1.65 -28.25
N GLU B 37 -1.77 2.09 -27.83
CA GLU B 37 -0.68 2.40 -28.75
C GLU B 37 -0.36 1.19 -29.64
N LEU B 38 -0.39 -0.01 -29.07
CA LEU B 38 -0.14 -1.24 -29.80
C LEU B 38 -1.10 -1.42 -30.98
N ILE B 39 -2.39 -1.34 -30.71
CA ILE B 39 -3.40 -1.40 -31.76
C ILE B 39 -3.14 -0.34 -32.83
N CYS B 40 -2.85 0.88 -32.40
CA CYS B 40 -2.56 1.98 -33.31
C CYS B 40 -1.35 1.72 -34.23
N GLN B 41 -0.25 1.23 -33.65
CA GLN B 41 0.93 0.87 -34.44
C GLN B 41 0.82 -0.55 -35.05
N GLU B 42 -0.33 -0.82 -35.63
CA GLU B 42 -0.59 -2.01 -36.43
C GLU B 42 -1.48 -1.54 -37.56
N ASN B 43 -2.18 -0.44 -37.30
CA ASN B 43 -3.14 0.12 -38.24
C ASN B 43 -2.72 1.53 -38.70
N GLU B 44 -1.49 1.64 -39.19
CA GLU B 44 -1.00 2.87 -39.80
C GLU B 44 -1.40 2.90 -41.28
N GLY B 45 -2.48 3.61 -41.58
CA GLY B 45 -3.05 3.64 -42.92
C GLY B 45 -4.22 2.68 -43.06
N ASP B 48 -7.21 7.52 -41.79
CA ASP B 48 -8.41 7.54 -40.96
C ASP B 48 -8.24 8.53 -39.80
N PRO B 49 -9.03 9.63 -39.80
CA PRO B 49 -8.88 10.77 -38.88
C PRO B 49 -9.01 10.44 -37.39
N VAL B 50 -9.65 9.32 -37.06
CA VAL B 50 -10.00 8.97 -35.68
C VAL B 50 -8.81 8.36 -34.93
N LEU B 51 -8.32 7.23 -35.42
CA LEU B 51 -7.17 6.57 -34.82
C LEU B 51 -5.93 7.44 -34.83
N GLN B 52 -5.85 8.37 -35.77
CA GLN B 52 -4.74 9.32 -35.74
C GLN B 52 -4.93 10.41 -34.68
N ARG B 53 -6.18 10.69 -34.32
CA ARG B 53 -6.46 11.60 -33.19
C ARG B 53 -6.14 10.90 -31.87
N ILE B 54 -6.46 9.60 -31.77
CA ILE B 54 -6.09 8.77 -30.63
C ILE B 54 -4.56 8.70 -30.42
N VAL B 55 -3.81 8.58 -31.51
CA VAL B 55 -2.34 8.64 -31.49
C VAL B 55 -1.86 10.06 -31.12
N ASP B 56 -2.57 11.06 -31.61
CA ASP B 56 -2.28 12.43 -31.23
C ASP B 56 -2.52 12.62 -29.74
N ILE B 57 -3.56 11.97 -29.22
CA ILE B 57 -3.81 11.99 -27.77
C ILE B 57 -2.63 11.38 -27.02
N LEU B 58 -2.34 10.10 -27.29
CA LEU B 58 -1.22 9.41 -26.65
C LEU B 58 0.08 10.23 -26.62
N TYR B 59 0.39 10.92 -27.71
CA TYR B 59 1.71 11.53 -27.88
C TYR B 59 1.83 12.98 -27.42
N ALA B 60 0.72 13.56 -26.96
CA ALA B 60 0.70 14.91 -26.41
C ALA B 60 1.61 14.99 -25.18
N THR B 61 2.42 16.04 -25.10
CA THR B 61 3.43 16.18 -24.05
C THR B 61 3.17 17.40 -23.21
N ASP B 62 3.48 17.30 -21.92
CA ASP B 62 3.34 18.40 -21.00
C ASP B 62 4.68 18.59 -20.32
N GLU B 63 4.86 19.73 -19.65
CA GLU B 63 6.05 20.00 -18.83
C GLU B 63 6.26 18.85 -17.83
N GLY B 64 7.46 18.29 -17.87
CA GLY B 64 7.83 17.18 -16.99
C GLY B 64 7.71 15.83 -17.68
N PHE B 65 7.47 15.86 -18.98
CA PHE B 65 7.33 14.61 -19.73
C PHE B 65 8.09 14.65 -21.06
N VAL B 66 8.73 13.54 -21.37
CA VAL B 66 9.49 13.39 -22.62
C VAL B 66 9.06 12.14 -23.39
N ILE B 67 8.87 12.30 -24.71
CA ILE B 67 8.60 11.14 -25.58
C ILE B 67 9.88 10.28 -25.73
N PRO B 68 9.82 8.99 -25.34
CA PRO B 68 11.01 8.14 -25.36
C PRO B 68 11.30 7.54 -26.74
N GLU C 4 -13.36 22.32 5.78
CA GLU C 4 -13.11 21.88 4.38
C GLU C 4 -13.25 20.36 4.28
N ALA C 5 -14.02 19.91 3.30
CA ALA C 5 -14.22 18.48 3.07
C ALA C 5 -12.95 17.83 2.48
N ALA C 6 -12.33 18.49 1.52
CA ALA C 6 -11.09 17.99 0.88
C ALA C 6 -9.99 17.63 1.89
N GLU C 7 -9.94 18.39 2.98
CA GLU C 7 -8.99 18.13 4.06
C GLU C 7 -9.39 16.87 4.84
N LEU C 8 -10.65 16.77 5.22
CA LEU C 8 -11.16 15.59 5.95
C LEU C 8 -11.07 14.28 5.14
N MET C 9 -11.36 14.37 3.83
CA MET C 9 -11.26 13.21 2.94
C MET C 9 -9.80 12.76 2.78
N GLN C 10 -8.86 13.70 2.92
CA GLN C 10 -7.46 13.35 2.94
C GLN C 10 -7.03 12.80 4.31
N GLN C 11 -7.69 13.23 5.38
CA GLN C 11 -7.46 12.66 6.71
C GLN C 11 -7.96 11.22 6.83
N VAL C 12 -9.17 10.98 6.32
CA VAL C 12 -9.75 9.64 6.25
C VAL C 12 -8.79 8.69 5.51
N ASN C 13 -8.31 9.12 4.35
CA ASN C 13 -7.37 8.31 3.57
C ASN C 13 -6.11 7.94 4.36
N VAL C 14 -5.55 8.94 5.04
CA VAL C 14 -4.33 8.79 5.84
C VAL C 14 -4.57 7.82 6.98
N LEU C 15 -5.75 7.88 7.55
CA LEU C 15 -6.10 6.94 8.62
C LEU C 15 -6.33 5.52 8.11
N LYS C 16 -6.82 5.40 6.87
CA LYS C 16 -7.01 4.09 6.28
C LYS C 16 -5.63 3.48 6.00
N LEU C 17 -4.66 4.29 5.56
CA LEU C 17 -3.32 3.75 5.35
C LEU C 17 -2.62 3.44 6.68
N THR C 18 -2.98 4.21 7.73
CA THR C 18 -2.47 3.95 9.09
C THR C 18 -2.99 2.64 9.71
N VAL C 19 -4.27 2.34 9.50
CA VAL C 19 -4.78 1.01 9.87
C VAL C 19 -3.98 -0.08 9.14
N GLU C 20 -3.76 0.13 7.84
CA GLU C 20 -3.08 -0.83 7.01
C GLU C 20 -1.64 -1.05 7.49
N ASP C 21 -0.88 0.03 7.67
CA ASP C 21 0.49 -0.07 8.16
C ASP C 21 0.61 -0.81 9.49
N LEU C 22 -0.26 -0.46 10.46
CA LEU C 22 -0.25 -1.04 11.80
C LEU C 22 -0.66 -2.52 11.80
N GLU C 23 -1.62 -2.87 10.95
CA GLU C 23 -1.99 -4.26 10.68
C GLU C 23 -0.81 -5.07 10.15
N LYS C 24 -0.11 -4.52 9.14
CA LYS C 24 1.10 -5.15 8.61
C LYS C 24 2.18 -5.29 9.69
N GLU C 25 2.36 -4.23 10.49
CA GLU C 25 3.37 -4.24 11.54
C GLU C 25 3.02 -5.25 12.61
N ARG C 26 1.78 -5.24 13.08
CA ARG C 26 1.37 -6.17 14.14
C ARG C 26 1.52 -7.63 13.70
N ASP C 27 1.03 -7.95 12.52
CA ASP C 27 1.21 -9.27 11.89
C ASP C 27 2.69 -9.68 11.78
N PHE C 28 3.56 -8.76 11.40
CA PHE C 28 4.98 -9.02 11.26
C PHE C 28 5.56 -9.44 12.60
N TYR C 29 5.16 -8.75 13.67
CA TYR C 29 5.57 -9.10 15.02
C TYR C 29 4.91 -10.41 15.48
N PHE C 30 3.64 -10.60 15.12
CA PHE C 30 2.97 -11.88 15.39
C PHE C 30 3.75 -13.01 14.72
N GLY C 31 4.12 -12.79 13.47
CA GLY C 31 4.92 -13.73 12.69
C GLY C 31 6.18 -14.19 13.41
N LYS C 32 6.99 -13.23 13.88
CA LYS C 32 8.20 -13.51 14.63
C LYS C 32 7.90 -14.28 15.90
N LEU C 33 6.80 -13.94 16.56
CA LEU C 33 6.41 -14.61 17.81
C LEU C 33 5.97 -16.07 17.57
N ARG C 34 5.26 -16.30 16.46
CA ARG C 34 4.86 -17.63 16.04
C ARG C 34 6.06 -18.55 15.81
N ASN C 35 7.08 -18.00 15.16
CA ASN C 35 8.29 -18.73 14.83
C ASN C 35 9.14 -19.04 16.04
N ILE C 36 9.14 -18.12 17.02
CA ILE C 36 9.82 -18.34 18.29
C ILE C 36 9.08 -19.39 19.12
N GLU C 37 7.76 -19.46 18.94
CA GLU C 37 6.96 -20.47 19.62
C GLU C 37 7.30 -21.85 19.05
N LEU C 38 7.48 -21.90 17.73
CA LEU C 38 7.74 -23.17 17.06
C LEU C 38 9.04 -23.79 17.55
N ILE C 39 10.06 -22.96 17.70
CA ILE C 39 11.34 -23.38 18.26
C ILE C 39 11.19 -23.81 19.72
N CYS C 40 10.33 -23.12 20.46
CA CYS C 40 10.05 -23.46 21.85
C CYS C 40 9.31 -24.79 21.97
N GLN C 41 8.32 -25.00 21.10
CA GLN C 41 7.50 -26.22 21.07
C GLN C 41 8.22 -27.39 20.38
N GLU C 42 9.52 -27.50 20.64
CA GLU C 42 10.41 -28.40 19.94
C GLU C 42 11.57 -28.70 20.87
N ASN C 43 11.84 -27.76 21.77
CA ASN C 43 12.87 -27.91 22.78
C ASN C 43 12.33 -28.02 24.21
N GLU C 44 11.09 -28.47 24.32
CA GLU C 44 10.44 -28.73 25.62
C GLU C 44 11.16 -29.85 26.37
N GLY C 45 11.52 -30.91 25.64
CA GLY C 45 12.29 -32.03 26.18
C GLY C 45 13.63 -31.65 26.77
N GLU C 46 14.22 -30.56 26.27
CA GLU C 46 15.43 -29.98 26.86
C GLU C 46 15.21 -29.45 28.29
N ASN C 47 13.99 -28.97 28.56
CA ASN C 47 13.62 -28.43 29.88
C ASN C 47 14.21 -27.08 30.27
N ASP C 48 14.79 -26.36 29.30
CA ASP C 48 15.56 -25.14 29.58
C ASP C 48 14.70 -24.07 30.27
N PRO C 49 15.05 -23.76 31.55
CA PRO C 49 14.28 -22.77 32.33
C PRO C 49 14.25 -21.41 31.64
N VAL C 50 15.27 -21.14 30.83
CA VAL C 50 15.32 -19.94 30.00
C VAL C 50 14.25 -19.97 28.92
N LEU C 51 14.20 -21.06 28.16
CA LEU C 51 13.15 -21.22 27.15
C LEU C 51 11.77 -21.27 27.80
N GLN C 52 11.71 -21.81 29.03
CA GLN C 52 10.47 -21.83 29.83
C GLN C 52 9.98 -20.42 30.11
N ARG C 53 10.93 -19.52 30.38
CA ARG C 53 10.72 -18.09 30.58
C ARG C 53 10.15 -17.43 29.32
N ILE C 54 10.83 -17.65 28.19
CA ILE C 54 10.35 -17.18 26.88
C ILE C 54 8.93 -17.65 26.54
N VAL C 55 8.59 -18.87 26.93
CA VAL C 55 7.25 -19.41 26.65
C VAL C 55 6.18 -18.65 27.44
N ASP C 56 6.48 -18.37 28.71
CA ASP C 56 5.59 -17.59 29.56
C ASP C 56 5.34 -16.17 29.02
N ILE C 57 6.39 -15.55 28.49
CA ILE C 57 6.28 -14.25 27.83
C ILE C 57 5.37 -14.32 26.61
N LEU C 58 5.45 -15.42 25.87
CA LEU C 58 4.53 -15.60 24.74
C LEU C 58 3.07 -15.66 25.19
N TYR C 59 2.79 -16.40 26.26
CA TYR C 59 1.39 -16.66 26.63
C TYR C 59 0.77 -15.66 27.62
N ALA C 60 1.51 -14.64 28.04
CA ALA C 60 0.91 -13.57 28.82
C ALA C 60 -0.18 -12.87 27.98
N THR C 61 -1.27 -12.50 28.65
CA THR C 61 -2.45 -11.93 27.99
C THR C 61 -2.84 -10.63 28.66
N ASP C 62 -3.56 -9.79 27.90
CA ASP C 62 -4.05 -8.51 28.38
C ASP C 62 -5.49 -8.35 27.93
N GLU C 63 -6.22 -7.40 28.52
CA GLU C 63 -7.56 -7.03 28.08
C GLU C 63 -7.53 -6.74 26.57
N GLY C 64 -8.54 -7.22 25.86
CA GLY C 64 -8.59 -7.06 24.41
C GLY C 64 -8.01 -8.23 23.64
N PHE C 65 -7.64 -9.29 24.34
CA PHE C 65 -7.02 -10.47 23.74
C PHE C 65 -7.58 -11.80 24.28
N VAL C 66 -7.70 -12.78 23.40
CA VAL C 66 -8.18 -14.11 23.78
C VAL C 66 -7.08 -15.17 23.69
N ILE C 67 -7.03 -16.06 24.68
CA ILE C 67 -6.22 -17.27 24.58
C ILE C 67 -6.90 -18.17 23.54
N PRO C 68 -6.12 -18.70 22.57
CA PRO C 68 -6.71 -19.50 21.49
C PRO C 68 -7.49 -20.72 21.99
N GLU D 4 -22.06 16.62 5.42
CA GLU D 4 -21.08 17.72 5.25
C GLU D 4 -19.67 17.28 5.69
N ALA D 5 -19.06 18.09 6.55
CA ALA D 5 -17.86 17.72 7.29
C ALA D 5 -18.23 16.72 8.39
N ALA D 6 -19.41 16.93 9.00
CA ALA D 6 -19.96 16.08 10.06
C ALA D 6 -19.86 14.57 9.80
N GLU D 7 -20.19 14.14 8.60
CA GLU D 7 -20.16 12.72 8.25
C GLU D 7 -18.74 12.18 8.00
N LEU D 8 -17.89 12.99 7.39
CA LEU D 8 -16.49 12.59 7.21
C LEU D 8 -15.77 12.62 8.54
N MET D 9 -16.19 13.54 9.41
CA MET D 9 -15.64 13.62 10.76
C MET D 9 -15.97 12.34 11.54
N GLN D 10 -17.13 11.75 11.26
CA GLN D 10 -17.48 10.45 11.76
C GLN D 10 -16.46 9.39 11.34
N GLN D 11 -16.13 9.35 10.05
CA GLN D 11 -15.11 8.42 9.58
C GLN D 11 -13.78 8.62 10.30
N VAL D 12 -13.36 9.88 10.47
CA VAL D 12 -12.13 10.20 11.20
C VAL D 12 -12.25 9.69 12.64
N ASN D 13 -13.36 10.01 13.29
CA ASN D 13 -13.63 9.55 14.64
C ASN D 13 -13.48 8.03 14.83
N VAL D 14 -14.14 7.25 13.97
CA VAL D 14 -14.11 5.79 14.05
C VAL D 14 -12.70 5.27 13.77
N LEU D 15 -12.10 5.75 12.69
CA LEU D 15 -10.74 5.36 12.31
C LEU D 15 -9.66 5.63 13.37
N LYS D 16 -9.78 6.75 14.10
CA LYS D 16 -8.79 7.06 15.15
C LYS D 16 -8.87 6.08 16.31
N LEU D 17 -10.08 5.63 16.61
CA LEU D 17 -10.28 4.59 17.63
C LEU D 17 -9.77 3.24 17.16
N THR D 18 -9.90 2.96 15.86
CA THR D 18 -9.29 1.78 15.24
C THR D 18 -7.77 1.80 15.33
N VAL D 19 -7.17 2.91 14.93
CA VAL D 19 -5.72 3.13 15.06
C VAL D 19 -5.23 2.92 16.52
N GLU D 20 -5.97 3.46 17.48
CA GLU D 20 -5.56 3.37 18.86
C GLU D 20 -5.59 1.92 19.34
N ASP D 21 -6.63 1.19 18.97
CA ASP D 21 -6.73 -0.24 19.27
C ASP D 21 -5.62 -1.05 18.59
N LEU D 22 -5.34 -0.74 17.31
CA LEU D 22 -4.27 -1.42 16.59
C LEU D 22 -2.88 -1.11 17.16
N GLU D 23 -2.68 0.13 17.59
CA GLU D 23 -1.45 0.47 18.32
C GLU D 23 -1.28 -0.42 19.56
N LYS D 24 -2.38 -0.69 20.25
CA LYS D 24 -2.33 -1.48 21.48
C LYS D 24 -1.94 -2.93 21.17
N GLU D 25 -2.47 -3.44 20.05
CA GLU D 25 -2.11 -4.77 19.59
C GLU D 25 -0.66 -4.81 19.12
N ARG D 26 -0.26 -3.84 18.29
CA ARG D 26 1.11 -3.85 17.85
C ARG D 26 2.06 -3.78 19.05
N ASP D 27 1.72 -2.96 20.04
CA ASP D 27 2.54 -2.80 21.26
C ASP D 27 2.56 -4.07 22.09
N PHE D 28 1.42 -4.74 22.17
CA PHE D 28 1.32 -6.03 22.84
C PHE D 28 2.36 -7.05 22.28
N TYR D 29 2.42 -7.19 20.97
CA TYR D 29 3.34 -8.16 20.34
C TYR D 29 4.77 -7.67 20.30
N PHE D 30 4.94 -6.39 19.99
CA PHE D 30 6.26 -5.82 20.12
C PHE D 30 6.81 -6.01 21.56
N GLY D 31 6.00 -5.70 22.57
CA GLY D 31 6.40 -5.89 23.96
C GLY D 31 6.91 -7.29 24.29
N LYS D 32 6.25 -8.32 23.77
CA LYS D 32 6.72 -9.67 23.95
C LYS D 32 8.14 -9.82 23.37
N LEU D 33 8.31 -9.46 22.10
CA LEU D 33 9.64 -9.44 21.46
C LEU D 33 10.73 -8.76 22.28
N ARG D 34 10.44 -7.58 22.81
CA ARG D 34 11.42 -6.84 23.62
C ARG D 34 11.78 -7.59 24.89
N ASN D 35 10.83 -8.35 25.41
CA ASN D 35 11.03 -9.10 26.64
C ASN D 35 11.83 -10.36 26.37
N ILE D 36 11.60 -10.95 25.21
CA ILE D 36 12.40 -12.07 24.71
C ILE D 36 13.81 -11.60 24.34
N GLU D 37 13.92 -10.41 23.74
CA GLU D 37 15.24 -9.86 23.45
C GLU D 37 16.05 -9.65 24.75
N LEU D 38 15.40 -9.09 25.77
CA LEU D 38 16.03 -8.89 27.09
C LEU D 38 16.50 -10.20 27.71
N ILE D 39 15.67 -11.23 27.61
CA ILE D 39 16.03 -12.55 28.08
C ILE D 39 17.26 -13.08 27.36
N CYS D 40 17.28 -12.96 26.03
CA CYS D 40 18.42 -13.43 25.23
C CYS D 40 19.71 -12.70 25.56
N GLN D 41 19.62 -11.39 25.76
CA GLN D 41 20.78 -10.61 26.19
C GLN D 41 21.21 -11.01 27.61
N GLU D 42 20.26 -11.46 28.42
CA GLU D 42 20.56 -11.98 29.76
C GLU D 42 21.48 -13.20 29.70
N ASN D 43 21.69 -13.75 28.50
CA ASN D 43 22.51 -14.95 28.29
C ASN D 43 23.30 -14.91 26.97
N ASP D 48 25.33 -20.65 23.52
CA ASP D 48 24.19 -21.56 23.63
C ASP D 48 23.35 -21.53 22.35
N PRO D 49 23.22 -22.70 21.70
CA PRO D 49 22.62 -22.87 20.36
C PRO D 49 21.13 -22.57 20.20
N VAL D 50 20.36 -22.61 21.28
CA VAL D 50 18.91 -22.49 21.17
C VAL D 50 18.44 -21.03 21.02
N LEU D 51 19.14 -20.12 21.70
CA LEU D 51 18.84 -18.70 21.64
C LEU D 51 19.36 -18.09 20.34
N GLN D 52 20.32 -18.78 19.72
CA GLN D 52 20.90 -18.37 18.43
C GLN D 52 19.80 -18.13 17.41
N ARG D 53 18.94 -19.14 17.29
CA ARG D 53 17.84 -19.16 16.33
C ARG D 53 16.82 -18.08 16.70
N ILE D 54 16.53 -17.97 18.00
CA ILE D 54 15.60 -16.99 18.53
C ILE D 54 16.10 -15.55 18.38
N VAL D 55 17.40 -15.33 18.59
CA VAL D 55 18.02 -14.03 18.37
C VAL D 55 18.00 -13.68 16.87
N ASP D 56 18.02 -14.72 16.03
CA ASP D 56 17.98 -14.54 14.58
C ASP D 56 16.61 -14.22 14.04
N ILE D 57 15.58 -14.74 14.71
CA ILE D 57 14.20 -14.41 14.38
C ILE D 57 13.92 -12.97 14.78
N LEU D 58 14.28 -12.61 16.01
CA LEU D 58 14.05 -11.26 16.52
C LEU D 58 14.56 -10.20 15.56
N TYR D 59 15.77 -10.44 15.04
CA TYR D 59 16.44 -9.47 14.19
C TYR D 59 16.25 -9.68 12.69
N ALA D 60 15.60 -10.78 12.30
CA ALA D 60 15.32 -11.08 10.89
C ALA D 60 14.72 -9.90 10.12
N THR D 61 15.43 -9.47 9.06
CA THR D 61 15.11 -8.28 8.26
C THR D 61 13.63 -8.09 7.96
N LYS E 8 -21.96 9.71 -21.02
CA LYS E 8 -21.26 10.94 -20.56
C LYS E 8 -20.34 10.69 -19.36
N PRO E 9 -20.86 10.06 -18.28
CA PRO E 9 -19.95 9.83 -17.15
C PRO E 9 -18.93 8.77 -17.52
N SER E 10 -17.69 8.93 -17.04
CA SER E 10 -16.60 7.99 -17.33
C SER E 10 -16.82 6.62 -16.68
N LYS E 11 -16.46 5.56 -17.41
CA LYS E 11 -16.51 4.21 -16.87
C LYS E 11 -15.13 3.53 -16.75
N ILE E 12 -14.08 4.35 -16.74
CA ILE E 12 -12.70 3.86 -16.61
C ILE E 12 -12.45 3.42 -15.17
N PRO E 13 -12.11 2.13 -14.97
CA PRO E 13 -11.77 1.63 -13.65
C PRO E 13 -10.90 2.57 -12.80
N THR E 14 -11.35 2.86 -11.58
CA THR E 14 -10.56 3.60 -10.60
C THR E 14 -10.30 2.74 -9.37
N PRO E 15 -9.27 3.10 -8.55
CA PRO E 15 -9.03 2.37 -7.29
C PRO E 15 -10.27 2.31 -6.41
N GLN E 16 -10.55 1.13 -5.86
CA GLN E 16 -11.63 0.98 -4.88
C GLN E 16 -11.22 1.54 -3.53
N ARG E 17 -12.19 1.91 -2.71
CA ARG E 17 -11.92 2.33 -1.34
C ARG E 17 -11.58 1.13 -0.45
N LYS E 18 -11.02 1.41 0.73
CA LYS E 18 -10.37 0.38 1.56
C LYS E 18 -11.25 -0.13 2.70
N LYS F 8 7.11 -0.09 -33.91
CA LYS F 8 8.20 -0.84 -33.23
C LYS F 8 8.25 -0.58 -31.70
N PRO F 9 8.74 0.61 -31.27
CA PRO F 9 8.87 0.86 -29.84
C PRO F 9 7.70 1.67 -29.26
N SER F 10 7.81 2.11 -28.00
CA SER F 10 6.83 3.04 -27.42
C SER F 10 7.24 4.49 -27.60
N LYS F 11 6.26 5.37 -27.72
CA LYS F 11 6.53 6.79 -27.88
C LYS F 11 5.58 7.59 -26.98
N ILE F 12 5.07 6.93 -25.94
CA ILE F 12 4.19 7.57 -24.97
C ILE F 12 5.07 8.29 -23.96
N PRO F 13 4.91 9.63 -23.86
CA PRO F 13 5.71 10.45 -22.95
C PRO F 13 5.75 9.89 -21.53
N THR F 14 6.88 10.07 -20.87
CA THR F 14 7.12 9.50 -19.55
C THR F 14 7.93 10.54 -18.77
N PRO F 15 7.84 10.56 -17.42
CA PRO F 15 8.54 11.56 -16.61
C PRO F 15 10.08 11.56 -16.71
N GLN F 16 10.72 12.36 -15.86
CA GLN F 16 12.18 12.62 -15.86
C GLN F 16 12.64 13.30 -17.14
N PRO G 9 -0.82 -26.33 17.76
CA PRO G 9 -1.30 -24.98 17.43
C PRO G 9 -0.77 -23.93 18.42
N SER G 10 -0.68 -22.68 17.98
CA SER G 10 -0.18 -21.61 18.83
C SER G 10 -1.11 -21.30 20.00
N LYS G 11 -0.53 -20.92 21.13
CA LYS G 11 -1.29 -20.47 22.30
C LYS G 11 -1.05 -18.98 22.56
N ILE G 12 -0.39 -18.30 21.62
CA ILE G 12 -0.18 -16.84 21.69
C ILE G 12 -1.53 -16.16 21.50
N PRO G 13 -1.92 -15.30 22.46
CA PRO G 13 -3.22 -14.61 22.40
C PRO G 13 -3.45 -13.76 21.14
N THR G 14 -4.69 -13.80 20.64
CA THR G 14 -5.15 -13.12 19.42
C THR G 14 -6.03 -11.94 19.83
N PRO G 15 -6.20 -10.94 18.94
CA PRO G 15 -7.08 -9.85 19.37
C PRO G 15 -8.55 -10.18 19.17
N GLN G 16 -9.43 -9.54 19.95
CA GLN G 16 -10.87 -9.77 19.85
C GLN G 16 -11.44 -9.27 18.54
N SER H 10 18.13 -2.27 22.13
CA SER H 10 17.20 -3.03 21.23
C SER H 10 17.48 -2.80 19.74
N LYS H 11 17.60 -3.89 18.98
CA LYS H 11 17.72 -3.79 17.52
C LYS H 11 16.68 -4.63 16.75
N ILE H 12 15.52 -4.85 17.37
CA ILE H 12 14.39 -5.51 16.71
C ILE H 12 13.88 -4.65 15.54
N PRO H 13 13.83 -5.22 14.31
CA PRO H 13 13.26 -4.60 13.11
C PRO H 13 12.10 -3.70 13.56
N THR H 14 12.30 -2.39 13.39
CA THR H 14 11.34 -1.36 13.77
C THR H 14 11.01 -0.55 12.53
#